data_6NBO
#
_entry.id   6NBO
#
_cell.length_a   88.260
_cell.length_b   100.350
_cell.length_c   142.360
_cell.angle_alpha   90.00
_cell.angle_beta   90.00
_cell.angle_gamma   90.00
#
_symmetry.space_group_name_H-M   'I 2 2 2'
#
loop_
_entity.id
_entity.type
_entity.pdbx_description
1 polymer 'N-isopropylammelide isopropylaminohydrolase'
2 non-polymer 'ZINC ION'
3 non-polymer 'CHLORIDE ION'
4 non-polymer 1,2-ETHANEDIOL
5 water water
#
_entity_poly.entity_id   1
_entity_poly.type   'polypeptide(L)'
_entity_poly.pdbx_seq_one_letter_code
;MAHHHHHHMTALLIRNVRTGADDALDILIEGDRIARTGPSLDAPPGCAIEEGAGAIALPGLVEGHTHLDKTHWGMPWYRN
AVGPRLVDRIENERHYRATSGHDAGAASLALARAFLAAGTTRIRTHVDVDTDAGLRHLHRVLDTRETLRGQVEIQIVAFP
QSGVLKRPGTDALLADALAAGADLLGGLDPCAIEGDPVKAVDVLFGIAERYGRGLDLHLHERGSMGAYSLDLILQRTAAL
GMQHKVTISHAFCLGDLAERERDALLARMAELGVAVVTTAPAAVPVPSVLACRAAGVTVIGGNDGVRDTWTPYGSPDMLE
RAMLIAMRNDFRRDDALEVALECVTHGAARGCGFDAYGLQPGARADVVLVDAMTLAEAVVARPVRRLVVSSGKIVARNGA
LV
;
_entity_poly.pdbx_strand_id   A
#
loop_
_chem_comp.id
_chem_comp.type
_chem_comp.name
_chem_comp.formula
CL non-polymer 'CHLORIDE ION' 'Cl -1'
EDO non-polymer 1,2-ETHANEDIOL 'C2 H6 O2'
ZN non-polymer 'ZINC ION' 'Zn 2'
#
# COMPACT_ATOMS: atom_id res chain seq x y z
N MET A 9 -12.03 27.94 -11.96
CA MET A 9 -11.03 26.97 -11.53
C MET A 9 -10.11 27.55 -10.46
N THR A 10 -9.71 26.71 -9.51
CA THR A 10 -8.92 27.14 -8.37
C THR A 10 -7.43 26.94 -8.63
N ALA A 11 -6.64 27.92 -8.19
CA ALA A 11 -5.18 27.84 -8.22
C ALA A 11 -4.62 28.01 -6.80
N LEU A 12 -3.55 27.27 -6.51
CA LEU A 12 -2.87 27.32 -5.22
C LEU A 12 -1.37 27.40 -5.46
N LEU A 13 -0.74 28.44 -4.94
CA LEU A 13 0.70 28.62 -5.04
C LEU A 13 1.29 28.36 -3.65
N ILE A 14 2.03 27.25 -3.53
CA ILE A 14 2.76 26.92 -2.31
C ILE A 14 4.17 27.46 -2.48
N ARG A 15 4.50 28.51 -1.72
CA ARG A 15 5.79 29.15 -1.85
C ARG A 15 6.82 28.56 -0.89
N ASN A 16 8.07 28.53 -1.34
CA ASN A 16 9.23 28.40 -0.45
C ASN A 16 9.24 27.06 0.28
N VAL A 17 9.28 25.98 -0.51
CA VAL A 17 9.41 24.62 0.01
C VAL A 17 10.62 23.96 -0.63
N ARG A 18 11.03 22.84 -0.04
CA ARG A 18 12.18 22.09 -0.50
C ARG A 18 11.76 20.66 -0.79
N THR A 19 12.15 20.12 -1.93
CA THR A 19 11.85 18.72 -2.20
C THR A 19 12.93 17.79 -1.66
N GLY A 20 13.99 18.34 -1.08
CA GLY A 20 15.03 17.52 -0.48
C GLY A 20 16.37 18.22 -0.53
N ALA A 21 17.41 17.51 -0.96
CA ALA A 21 18.72 18.10 -1.21
C ALA A 21 18.66 18.78 -2.57
N ASP A 22 18.17 20.02 -2.56
CA ASP A 22 18.00 20.87 -3.73
C ASP A 22 17.54 22.21 -3.19
N ASP A 23 17.79 23.27 -3.96
CA ASP A 23 17.35 24.59 -3.54
C ASP A 23 15.83 24.64 -3.41
N ALA A 24 15.35 25.59 -2.61
CA ALA A 24 13.92 25.73 -2.40
C ALA A 24 13.24 26.16 -3.69
N LEU A 25 11.95 25.87 -3.79
CA LEU A 25 11.18 26.30 -4.96
C LEU A 25 9.73 26.54 -4.54
N ASP A 26 8.93 26.99 -5.50
CA ASP A 26 7.49 27.09 -5.33
C ASP A 26 6.80 26.00 -6.15
N ILE A 27 5.60 25.65 -5.72
CA ILE A 27 4.77 24.67 -6.43
C ILE A 27 3.45 25.35 -6.74
N LEU A 28 3.16 25.55 -8.02
CA LEU A 28 1.89 26.10 -8.46
C LEU A 28 0.95 24.95 -8.81
N ILE A 29 -0.24 24.98 -8.22
CA ILE A 29 -1.26 23.96 -8.42
C ILE A 29 -2.44 24.61 -9.10
N GLU A 30 -2.97 23.95 -10.14
CA GLU A 30 -4.23 24.38 -10.72
C GLU A 30 -5.13 23.18 -10.94
N GLY A 31 -6.40 23.31 -10.56
CA GLY A 31 -7.28 22.15 -10.61
C GLY A 31 -6.69 21.05 -9.72
N ASP A 32 -6.67 19.81 -10.20
CA ASP A 32 -6.13 18.73 -9.38
C ASP A 32 -4.70 18.35 -9.77
N ARG A 33 -3.98 19.21 -10.49
CA ARG A 33 -2.65 18.88 -10.99
C ARG A 33 -1.63 19.94 -10.58
N ILE A 34 -0.37 19.52 -10.54
CA ILE A 34 0.73 20.47 -10.42
C ILE A 34 0.94 21.13 -11.77
N ALA A 35 0.91 22.47 -11.77
CA ALA A 35 1.00 23.20 -13.03
C ALA A 35 2.41 23.66 -13.34
N ARG A 36 3.17 24.03 -12.32
CA ARG A 36 4.48 24.66 -12.49
C ARG A 36 5.27 24.46 -11.21
N THR A 37 6.58 24.21 -11.35
CA THR A 37 7.49 24.20 -10.22
C THR A 37 8.72 25.02 -10.58
N GLY A 38 9.29 25.68 -9.57
CA GLY A 38 10.47 26.48 -9.79
C GLY A 38 10.58 27.62 -8.80
N PRO A 39 11.70 28.35 -8.85
CA PRO A 39 11.92 29.42 -7.88
C PRO A 39 11.11 30.67 -8.21
N SER A 40 10.53 31.26 -7.17
CA SER A 40 9.87 32.56 -7.27
C SER A 40 8.87 32.61 -8.43
N LEU A 41 7.94 31.67 -8.43
CA LEU A 41 6.94 31.61 -9.49
C LEU A 41 6.00 32.82 -9.43
N ASP A 42 5.55 33.26 -10.62
CA ASP A 42 4.52 34.28 -10.68
C ASP A 42 3.18 33.70 -10.24
N ALA A 43 2.36 34.54 -9.64
CA ALA A 43 1.04 34.13 -9.17
C ALA A 43 0.01 34.43 -10.24
N PRO A 44 -0.72 33.44 -10.75
CA PRO A 44 -1.87 33.75 -11.58
C PRO A 44 -2.83 34.64 -10.83
N PRO A 45 -3.54 35.53 -11.51
CA PRO A 45 -4.47 36.44 -10.82
C PRO A 45 -5.45 35.64 -9.96
N GLY A 46 -5.66 36.12 -8.72
CA GLY A 46 -6.64 35.54 -7.82
C GLY A 46 -6.25 34.24 -7.16
N CYS A 47 -5.01 33.82 -7.29
CA CYS A 47 -4.55 32.53 -6.79
CA CYS A 47 -4.63 32.51 -6.77
C CYS A 47 -4.37 32.58 -5.27
N ALA A 48 -4.77 31.51 -4.59
CA ALA A 48 -4.49 31.39 -3.16
C ALA A 48 -3.00 31.17 -2.94
N ILE A 49 -2.49 31.71 -1.83
CA ILE A 49 -1.08 31.63 -1.48
C ILE A 49 -0.95 30.83 -0.19
N GLU A 50 -0.05 29.85 -0.19
CA GLU A 50 0.32 29.13 1.02
C GLU A 50 1.82 29.31 1.24
N GLU A 51 2.19 29.87 2.39
CA GLU A 51 3.60 30.09 2.69
C GLU A 51 4.18 28.81 3.29
N GLY A 52 5.06 28.14 2.53
CA GLY A 52 5.66 26.90 2.99
C GLY A 52 6.74 27.06 4.04
N ALA A 53 7.31 28.26 4.18
CA ALA A 53 8.26 28.58 5.25
C ALA A 53 9.44 27.61 5.28
N GLY A 54 9.90 27.18 4.11
CA GLY A 54 11.08 26.35 4.02
C GLY A 54 10.88 24.91 4.36
N ALA A 55 9.63 24.47 4.51
CA ALA A 55 9.35 23.08 4.82
C ALA A 55 9.74 22.17 3.66
N ILE A 56 10.01 20.90 3.99
CA ILE A 56 10.14 19.88 2.96
C ILE A 56 8.75 19.57 2.40
N ALA A 57 8.65 19.54 1.07
CA ALA A 57 7.45 19.09 0.39
C ALA A 57 7.66 17.65 -0.08
N LEU A 58 6.75 16.78 0.32
CA LEU A 58 6.72 15.38 -0.08
C LEU A 58 5.54 15.14 -1.01
N PRO A 59 5.67 14.24 -1.98
CA PRO A 59 4.48 13.76 -2.69
C PRO A 59 3.57 13.04 -1.70
N GLY A 60 2.31 12.86 -2.09
CA GLY A 60 1.38 12.16 -1.22
C GLY A 60 1.93 10.81 -0.82
N LEU A 61 1.80 10.42 0.45
CA LEU A 61 2.34 9.13 0.87
C LEU A 61 1.41 8.01 0.39
N VAL A 62 1.94 6.80 0.33
CA VAL A 62 1.23 5.66 -0.23
C VAL A 62 1.24 4.54 0.79
N GLU A 63 0.05 4.04 1.13
CA GLU A 63 -0.08 2.79 1.87
C GLU A 63 -0.27 1.66 0.86
N GLY A 64 0.77 0.84 0.66
CA GLY A 64 0.74 -0.19 -0.35
C GLY A 64 0.13 -1.51 0.07
N HIS A 65 -0.21 -1.68 1.36
CA HIS A 65 -0.77 -2.94 1.84
C HIS A 65 -1.35 -2.74 3.22
N THR A 66 -2.67 -2.62 3.32
CA THR A 66 -3.31 -2.67 4.63
C THR A 66 -4.62 -3.45 4.48
N HIS A 67 -5.40 -3.50 5.57
CA HIS A 67 -6.64 -4.26 5.65
C HIS A 67 -7.65 -3.32 6.32
N LEU A 68 -8.20 -2.39 5.54
CA LEU A 68 -9.07 -1.35 6.12
C LEU A 68 -10.34 -1.95 6.69
N ASP A 69 -10.78 -3.10 6.16
CA ASP A 69 -12.02 -3.69 6.64
C ASP A 69 -11.88 -4.25 8.05
N LYS A 70 -10.66 -4.61 8.46
CA LYS A 70 -10.45 -5.33 9.71
C LYS A 70 -10.20 -4.41 10.90
N THR A 71 -9.83 -3.16 10.65
CA THR A 71 -9.28 -2.29 11.68
C THR A 71 -10.32 -1.95 12.74
N HIS A 72 -9.84 -1.79 13.98
CA HIS A 72 -10.64 -1.24 15.06
C HIS A 72 -10.32 0.23 15.32
N TRP A 73 -9.70 0.89 14.36
CA TRP A 73 -9.42 2.32 14.48
C TRP A 73 -10.71 3.06 14.85
N GLY A 74 -10.62 3.94 15.85
CA GLY A 74 -11.76 4.66 16.32
C GLY A 74 -12.69 3.90 17.24
N MET A 75 -12.44 2.62 17.47
CA MET A 75 -13.24 1.81 18.37
C MET A 75 -12.52 1.68 19.71
N PRO A 76 -13.23 1.21 20.74
CA PRO A 76 -12.55 0.88 22.01
C PRO A 76 -11.42 -0.12 21.77
N TRP A 77 -10.42 -0.09 22.66
CA TRP A 77 -9.27 -0.97 22.51
C TRP A 77 -9.71 -2.42 22.41
N TYR A 78 -9.16 -3.16 21.44
CA TYR A 78 -9.41 -4.60 21.37
C TYR A 78 -8.46 -5.34 22.31
N ARG A 79 -9.01 -5.98 23.34
CA ARG A 79 -8.21 -6.73 24.29
C ARG A 79 -7.80 -8.05 23.65
N ASN A 80 -6.52 -8.17 23.31
CA ASN A 80 -6.00 -9.36 22.66
C ASN A 80 -5.55 -10.36 23.72
N ALA A 81 -6.14 -11.55 23.70
CA ALA A 81 -5.69 -12.68 24.49
C ALA A 81 -5.60 -13.93 23.60
N VAL A 82 -5.16 -13.72 22.36
CA VAL A 82 -5.04 -14.81 21.39
C VAL A 82 -3.96 -15.80 21.83
N GLY A 83 -4.11 -17.04 21.37
CA GLY A 83 -3.11 -18.07 21.61
C GLY A 83 -2.07 -18.21 20.50
N ASP A 88 -3.77 -19.94 15.76
CA ASP A 88 -5.04 -19.71 16.44
C ASP A 88 -5.61 -18.32 16.12
N ARG A 89 -4.93 -17.59 15.22
CA ARG A 89 -5.29 -16.21 14.93
C ARG A 89 -6.29 -16.08 13.78
N ILE A 90 -6.43 -17.11 12.95
CA ILE A 90 -7.46 -17.06 11.92
C ILE A 90 -8.82 -17.39 12.52
N GLU A 91 -8.87 -18.36 13.44
CA GLU A 91 -10.12 -18.75 14.07
C GLU A 91 -10.58 -17.73 15.11
N ASN A 92 -9.64 -16.98 15.71
CA ASN A 92 -10.05 -15.91 16.62
C ASN A 92 -10.76 -14.79 15.87
N GLU A 93 -10.22 -14.38 14.72
CA GLU A 93 -10.86 -13.33 13.94
C GLU A 93 -12.27 -13.74 13.51
N ARG A 94 -12.44 -14.97 13.04
CA ARG A 94 -13.75 -15.42 12.58
C ARG A 94 -14.76 -15.44 13.73
N HIS A 95 -14.32 -15.84 14.93
CA HIS A 95 -15.21 -15.81 16.09
C HIS A 95 -15.56 -14.39 16.50
N TYR A 96 -14.61 -13.46 16.41
CA TYR A 96 -14.89 -12.07 16.74
C TYR A 96 -15.97 -11.50 15.83
N ARG A 97 -15.83 -11.71 14.52
CA ARG A 97 -16.82 -11.20 13.56
C ARG A 97 -18.17 -11.87 13.69
N ALA A 98 -18.23 -13.09 14.23
CA ALA A 98 -19.48 -13.82 14.37
C ALA A 98 -20.03 -13.76 15.78
N THR A 99 -19.47 -12.92 16.65
CA THR A 99 -20.05 -12.65 17.95
C THR A 99 -20.10 -11.16 18.27
N SER A 100 -19.51 -10.30 17.44
CA SER A 100 -19.58 -8.86 17.58
C SER A 100 -20.32 -8.28 16.39
N GLY A 101 -20.55 -6.97 16.44
CA GLY A 101 -21.17 -6.29 15.32
C GLY A 101 -20.20 -5.35 14.63
N HIS A 102 -19.00 -5.85 14.31
CA HIS A 102 -17.99 -4.99 13.72
C HIS A 102 -18.44 -4.46 12.37
N ASP A 103 -18.30 -3.16 12.18
CA ASP A 103 -18.73 -2.47 10.97
C ASP A 103 -17.49 -2.02 10.21
N ALA A 104 -17.16 -2.75 9.13
CA ALA A 104 -16.04 -2.33 8.28
C ALA A 104 -16.26 -0.95 7.67
N GLY A 105 -17.49 -0.42 7.72
CA GLY A 105 -17.78 0.89 7.18
C GLY A 105 -17.21 2.04 7.98
N ALA A 106 -17.66 2.20 9.23
CA ALA A 106 -17.14 3.30 10.04
C ALA A 106 -15.66 3.12 10.32
N ALA A 107 -15.22 1.88 10.52
CA ALA A 107 -13.82 1.62 10.82
C ALA A 107 -12.93 2.02 9.65
N SER A 108 -13.22 1.50 8.45
CA SER A 108 -12.38 1.80 7.30
C SER A 108 -12.38 3.29 6.99
N LEU A 109 -13.52 3.95 7.16
CA LEU A 109 -13.58 5.39 6.87
C LEU A 109 -12.72 6.16 7.86
N ALA A 110 -12.88 5.87 9.15
CA ALA A 110 -12.07 6.53 10.18
C ALA A 110 -10.58 6.31 9.93
N LEU A 111 -10.17 5.07 9.63
CA LEU A 111 -8.74 4.83 9.42
C LEU A 111 -8.24 5.48 8.14
N ALA A 112 -9.01 5.40 7.05
CA ALA A 112 -8.59 6.06 5.82
C ALA A 112 -8.51 7.57 6.01
N ARG A 113 -9.42 8.14 6.80
CA ARG A 113 -9.32 9.56 7.08
C ARG A 113 -8.09 9.89 7.92
N ALA A 114 -7.71 8.99 8.85
CA ALA A 114 -6.47 9.19 9.60
C ALA A 114 -5.25 9.09 8.68
N PHE A 115 -5.27 8.16 7.74
CA PHE A 115 -4.23 8.12 6.71
C PHE A 115 -4.12 9.46 6.00
N LEU A 116 -5.25 9.98 5.53
CA LEU A 116 -5.26 11.28 4.84
C LEU A 116 -4.69 12.39 5.71
N ALA A 117 -5.12 12.46 6.98
CA ALA A 117 -4.64 13.53 7.86
C ALA A 117 -3.12 13.45 8.07
N ALA A 118 -2.56 12.24 8.00
CA ALA A 118 -1.12 12.03 8.10
C ALA A 118 -0.43 12.02 6.73
N GLY A 119 -1.09 12.50 5.68
CA GLY A 119 -0.43 12.71 4.40
C GLY A 119 -0.51 11.57 3.39
N THR A 120 -1.24 10.50 3.67
CA THR A 120 -1.39 9.39 2.73
C THR A 120 -2.62 9.63 1.86
N THR A 121 -2.42 9.71 0.54
CA THR A 121 -3.51 10.02 -0.38
C THR A 121 -3.80 8.87 -1.34
N ARG A 122 -3.06 7.77 -1.24
CA ARG A 122 -3.25 6.61 -2.07
CA ARG A 122 -3.24 6.60 -2.07
C ARG A 122 -3.09 5.37 -1.19
N ILE A 123 -4.06 4.46 -1.25
CA ILE A 123 -4.09 3.28 -0.38
C ILE A 123 -4.44 2.05 -1.21
N ARG A 124 -3.65 1.00 -1.09
CA ARG A 124 -4.05 -0.34 -1.53
C ARG A 124 -4.48 -1.14 -0.32
N THR A 125 -5.75 -1.55 -0.29
CA THR A 125 -6.25 -2.32 0.82
C THR A 125 -6.76 -3.66 0.32
N HIS A 126 -6.45 -4.70 1.09
CA HIS A 126 -7.11 -5.97 0.93
C HIS A 126 -8.41 -5.92 1.71
N VAL A 127 -9.41 -6.65 1.22
CA VAL A 127 -10.71 -6.73 1.89
C VAL A 127 -11.12 -8.19 1.89
N ASP A 128 -11.54 -8.70 3.04
CA ASP A 128 -11.88 -10.12 3.13
C ASP A 128 -13.12 -10.40 2.29
N VAL A 129 -13.03 -11.40 1.43
CA VAL A 129 -14.16 -11.85 0.61
C VAL A 129 -14.22 -13.36 0.80
N ASP A 130 -15.30 -13.85 1.42
CA ASP A 130 -15.38 -15.26 1.79
C ASP A 130 -16.84 -15.64 1.97
N THR A 131 -17.09 -16.94 2.15
CA THR A 131 -18.45 -17.42 2.28
C THR A 131 -19.00 -17.32 3.71
N ASP A 132 -18.26 -16.72 4.64
CA ASP A 132 -18.87 -16.35 5.91
C ASP A 132 -19.68 -15.07 5.77
N ALA A 133 -19.12 -14.10 5.05
CA ALA A 133 -19.70 -12.77 4.97
C ALA A 133 -20.16 -12.37 3.58
N GLY A 134 -19.79 -13.12 2.54
CA GLY A 134 -20.16 -12.69 1.21
C GLY A 134 -19.37 -11.45 0.83
N LEU A 135 -20.03 -10.53 0.13
CA LEU A 135 -19.43 -9.26 -0.24
C LEU A 135 -19.66 -8.16 0.79
N ARG A 136 -20.07 -8.50 2.01
CA ARG A 136 -20.45 -7.45 2.96
C ARG A 136 -19.28 -6.53 3.28
N HIS A 137 -18.09 -7.10 3.53
CA HIS A 137 -16.93 -6.25 3.81
C HIS A 137 -16.56 -5.41 2.58
N LEU A 138 -16.61 -6.02 1.39
CA LEU A 138 -16.34 -5.28 0.17
C LEU A 138 -17.29 -4.08 0.04
N HIS A 139 -18.59 -4.31 0.21
CA HIS A 139 -19.55 -3.21 0.08
C HIS A 139 -19.27 -2.09 1.06
N ARG A 140 -18.86 -2.41 2.29
CA ARG A 140 -18.55 -1.36 3.26
C ARG A 140 -17.33 -0.55 2.84
N VAL A 141 -16.28 -1.22 2.36
CA VAL A 141 -15.10 -0.49 1.90
C VAL A 141 -15.41 0.29 0.63
N LEU A 142 -16.26 -0.25 -0.26
CA LEU A 142 -16.66 0.52 -1.44
C LEU A 142 -17.40 1.80 -1.05
N ASP A 143 -18.25 1.73 0.00
CA ASP A 143 -18.89 2.93 0.51
C ASP A 143 -17.85 3.94 0.97
N THR A 144 -16.88 3.47 1.75
CA THR A 144 -15.81 4.34 2.22
C THR A 144 -15.07 4.98 1.04
N ARG A 145 -14.74 4.18 0.02
CA ARG A 145 -14.05 4.71 -1.16
C ARG A 145 -14.87 5.81 -1.85
N GLU A 146 -16.18 5.59 -1.99
CA GLU A 146 -17.01 6.62 -2.61
C GLU A 146 -17.05 7.89 -1.78
N THR A 147 -17.17 7.77 -0.45
CA THR A 147 -17.15 8.94 0.42
C THR A 147 -15.87 9.75 0.26
N LEU A 148 -14.74 9.07 0.02
CA LEU A 148 -13.44 9.72 -0.08
C LEU A 148 -13.00 9.98 -1.52
N ARG A 149 -13.91 9.91 -2.49
CA ARG A 149 -13.54 10.18 -3.88
C ARG A 149 -12.99 11.60 -4.01
N GLY A 150 -11.88 11.74 -4.73
CA GLY A 150 -11.22 13.02 -4.83
C GLY A 150 -10.35 13.39 -3.65
N GLN A 151 -10.25 12.54 -2.64
CA GLN A 151 -9.49 12.78 -1.42
C GLN A 151 -8.47 11.69 -1.14
N VAL A 152 -8.86 10.43 -1.26
CA VAL A 152 -7.96 9.29 -1.16
C VAL A 152 -8.31 8.36 -2.30
N GLU A 153 -7.30 7.99 -3.09
CA GLU A 153 -7.49 6.95 -4.10
C GLU A 153 -7.23 5.59 -3.46
N ILE A 154 -8.17 4.67 -3.63
CA ILE A 154 -8.12 3.40 -2.91
C ILE A 154 -8.23 2.28 -3.92
N GLN A 155 -7.19 1.44 -4.01
CA GLN A 155 -7.25 0.17 -4.72
C GLN A 155 -7.72 -0.91 -3.76
N ILE A 156 -8.62 -1.77 -4.22
CA ILE A 156 -9.20 -2.82 -3.38
C ILE A 156 -8.80 -4.18 -3.94
N VAL A 157 -8.19 -5.01 -3.10
CA VAL A 157 -7.85 -6.40 -3.43
C VAL A 157 -8.88 -7.31 -2.78
N ALA A 158 -9.58 -8.11 -3.58
CA ALA A 158 -10.55 -9.08 -3.05
C ALA A 158 -9.80 -10.27 -2.47
N PHE A 159 -9.78 -10.41 -1.15
CA PHE A 159 -8.87 -11.31 -0.45
C PHE A 159 -9.60 -12.48 0.20
N PRO A 160 -9.50 -13.70 -0.34
CA PRO A 160 -10.14 -14.88 0.29
C PRO A 160 -9.29 -15.36 1.47
N GLN A 161 -9.49 -14.65 2.60
CA GLN A 161 -8.60 -14.78 3.75
CA GLN A 161 -8.60 -14.79 3.76
C GLN A 161 -8.51 -16.22 4.25
N SER A 162 -9.60 -16.98 4.16
CA SER A 162 -9.60 -18.35 4.65
C SER A 162 -9.45 -19.38 3.54
N GLY A 163 -9.08 -18.96 2.33
CA GLY A 163 -8.79 -19.87 1.24
C GLY A 163 -9.92 -19.93 0.23
N VAL A 164 -9.61 -20.51 -0.93
CA VAL A 164 -10.54 -20.64 -2.06
C VAL A 164 -10.97 -22.09 -2.28
N LEU A 165 -10.00 -23.00 -2.44
CA LEU A 165 -10.30 -24.32 -2.98
C LEU A 165 -11.21 -25.13 -2.07
N LYS A 166 -11.00 -25.05 -0.77
CA LYS A 166 -11.71 -25.91 0.17
C LYS A 166 -13.03 -25.31 0.65
N ARG A 167 -13.41 -24.15 0.14
CA ARG A 167 -14.62 -23.47 0.61
C ARG A 167 -15.54 -23.28 -0.59
N PRO A 168 -16.50 -24.17 -0.80
CA PRO A 168 -17.34 -24.13 -2.00
C PRO A 168 -17.96 -22.77 -2.24
N GLY A 169 -17.93 -22.33 -3.50
CA GLY A 169 -18.52 -21.06 -3.88
C GLY A 169 -17.59 -19.87 -3.77
N THR A 170 -16.41 -20.02 -3.17
CA THR A 170 -15.50 -18.89 -3.02
C THR A 170 -15.03 -18.39 -4.37
N ASP A 171 -14.78 -19.29 -5.32
CA ASP A 171 -14.36 -18.88 -6.66
C ASP A 171 -15.36 -17.93 -7.30
N ALA A 172 -16.65 -18.29 -7.25
CA ALA A 172 -17.68 -17.43 -7.85
C ALA A 172 -17.84 -16.13 -7.07
N LEU A 173 -17.64 -16.17 -5.76
CA LEU A 173 -17.75 -14.97 -4.95
C LEU A 173 -16.65 -13.98 -5.31
N LEU A 174 -15.43 -14.48 -5.53
CA LEU A 174 -14.32 -13.61 -5.92
C LEU A 174 -14.59 -12.97 -7.28
N ALA A 175 -15.17 -13.73 -8.21
CA ALA A 175 -15.57 -13.15 -9.48
C ALA A 175 -16.60 -12.05 -9.26
N ASP A 176 -17.59 -12.32 -8.41
CA ASP A 176 -18.59 -11.30 -8.08
C ASP A 176 -17.93 -10.07 -7.47
N ALA A 177 -16.87 -10.26 -6.67
CA ALA A 177 -16.20 -9.12 -6.05
C ALA A 177 -15.55 -8.23 -7.10
N LEU A 178 -14.85 -8.85 -8.06
CA LEU A 178 -14.26 -8.06 -9.14
C LEU A 178 -15.35 -7.32 -9.92
N ALA A 179 -16.45 -8.01 -10.24
CA ALA A 179 -17.54 -7.36 -10.95
C ALA A 179 -18.12 -6.20 -10.14
N ALA A 180 -18.11 -6.31 -8.81
CA ALA A 180 -18.73 -5.29 -7.99
C ALA A 180 -17.83 -4.10 -7.72
N GLY A 181 -16.56 -4.17 -8.08
CA GLY A 181 -15.72 -2.99 -7.89
C GLY A 181 -14.35 -3.24 -7.30
N ALA A 182 -14.09 -4.46 -6.81
CA ALA A 182 -12.73 -4.77 -6.39
C ALA A 182 -11.81 -4.65 -7.61
N ASP A 183 -10.64 -4.06 -7.40
CA ASP A 183 -9.73 -3.79 -8.52
C ASP A 183 -8.86 -5.00 -8.84
N LEU A 184 -8.44 -5.72 -7.82
CA LEU A 184 -7.41 -6.75 -7.95
C LEU A 184 -7.89 -8.02 -7.26
N LEU A 185 -7.37 -9.16 -7.72
CA LEU A 185 -7.68 -10.42 -7.07
C LEU A 185 -6.59 -10.75 -6.06
N GLY A 186 -6.98 -11.16 -4.86
CA GLY A 186 -6.05 -11.63 -3.86
C GLY A 186 -6.07 -13.14 -3.71
N GLY A 187 -5.26 -13.60 -2.75
CA GLY A 187 -5.10 -15.02 -2.51
C GLY A 187 -3.93 -15.24 -1.60
N LEU A 188 -3.72 -16.51 -1.23
CA LEU A 188 -2.63 -16.76 -0.30
C LEU A 188 -2.13 -18.20 -0.42
N ASP A 189 -0.87 -18.39 -0.04
CA ASP A 189 -0.22 -19.66 0.29
C ASP A 189 -0.79 -20.86 -0.46
N PRO A 190 -0.43 -21.01 -1.74
CA PRO A 190 -1.00 -22.09 -2.56
C PRO A 190 -0.71 -23.48 -2.00
N CYS A 191 0.38 -23.66 -1.27
CA CYS A 191 0.66 -24.93 -0.61
C CYS A 191 0.05 -24.99 0.78
N ALA A 192 0.43 -24.06 1.66
CA ALA A 192 0.14 -24.21 3.08
C ALA A 192 -1.35 -24.04 3.37
N ILE A 193 -2.02 -23.15 2.65
CA ILE A 193 -3.45 -22.90 2.88
C ILE A 193 -4.30 -23.68 1.90
N GLU A 194 -4.01 -23.57 0.59
CA GLU A 194 -4.90 -24.19 -0.40
C GLU A 194 -4.72 -25.70 -0.53
N GLY A 195 -3.52 -26.23 -0.20
CA GLY A 195 -3.26 -27.66 -0.24
C GLY A 195 -2.99 -28.24 -1.62
N ASP A 196 -3.38 -27.55 -2.68
CA ASP A 196 -3.18 -28.02 -4.05
C ASP A 196 -2.68 -26.79 -4.79
N PRO A 197 -1.36 -26.58 -4.84
CA PRO A 197 -0.85 -25.28 -5.29
C PRO A 197 -1.10 -25.03 -6.76
N VAL A 198 -1.02 -26.07 -7.60
CA VAL A 198 -1.25 -25.89 -9.03
C VAL A 198 -2.69 -25.53 -9.27
N LYS A 199 -3.62 -26.24 -8.65
CA LYS A 199 -5.04 -25.91 -8.81
C LYS A 199 -5.34 -24.52 -8.29
N ALA A 200 -4.75 -24.16 -7.14
CA ALA A 200 -5.02 -22.84 -6.58
C ALA A 200 -4.53 -21.73 -7.50
N VAL A 201 -3.31 -21.85 -8.01
CA VAL A 201 -2.78 -20.81 -8.88
C VAL A 201 -3.60 -20.72 -10.17
N ASP A 202 -4.00 -21.87 -10.73
CA ASP A 202 -4.77 -21.85 -11.96
C ASP A 202 -6.16 -21.26 -11.72
N VAL A 203 -6.80 -21.56 -10.58
CA VAL A 203 -8.13 -21.00 -10.31
C VAL A 203 -8.04 -19.48 -10.19
N LEU A 204 -7.10 -18.99 -9.39
CA LEU A 204 -6.98 -17.55 -9.18
C LEU A 204 -6.62 -16.82 -10.48
N PHE A 205 -5.62 -17.30 -11.21
CA PHE A 205 -5.28 -16.61 -12.45
C PHE A 205 -6.42 -16.68 -13.46
N GLY A 206 -7.19 -17.77 -13.45
CA GLY A 206 -8.32 -17.85 -14.35
C GLY A 206 -9.35 -16.78 -14.06
N ILE A 207 -9.65 -16.56 -12.78
CA ILE A 207 -10.63 -15.53 -12.42
C ILE A 207 -10.13 -14.15 -12.82
N ALA A 208 -8.88 -13.84 -12.48
CA ALA A 208 -8.35 -12.53 -12.82
C ALA A 208 -8.31 -12.31 -14.32
N GLU A 209 -7.92 -13.35 -15.07
CA GLU A 209 -7.86 -13.24 -16.52
C GLU A 209 -9.24 -12.96 -17.10
N ARG A 210 -10.28 -13.56 -16.51
CA ARG A 210 -11.63 -13.36 -17.01
CA ARG A 210 -11.64 -13.36 -17.00
C ARG A 210 -12.06 -11.90 -16.90
N TYR A 211 -11.66 -11.21 -15.84
CA TYR A 211 -12.00 -9.82 -15.65
C TYR A 211 -10.88 -8.88 -16.08
N GLY A 212 -9.80 -9.41 -16.62
CA GLY A 212 -8.67 -8.61 -17.05
C GLY A 212 -7.98 -7.87 -15.92
N ARG A 213 -7.92 -8.48 -14.74
CA ARG A 213 -7.38 -7.79 -13.57
C ARG A 213 -6.04 -8.38 -13.16
N GLY A 214 -5.30 -7.60 -12.40
CA GLY A 214 -4.09 -8.07 -11.78
C GLY A 214 -4.37 -8.80 -10.47
N LEU A 215 -3.29 -9.29 -9.86
CA LEU A 215 -3.36 -10.04 -8.61
C LEU A 215 -2.33 -9.50 -7.63
N ASP A 216 -2.69 -9.59 -6.35
CA ASP A 216 -1.76 -9.28 -5.26
C ASP A 216 -1.92 -10.41 -4.25
N LEU A 217 -0.90 -11.26 -4.16
CA LEU A 217 -1.00 -12.53 -3.45
C LEU A 217 -0.19 -12.49 -2.16
N HIS A 218 -0.83 -12.83 -1.04
CA HIS A 218 -0.11 -13.02 0.22
C HIS A 218 0.71 -14.31 0.15
N LEU A 219 2.02 -14.23 0.34
CA LEU A 219 2.86 -15.42 0.35
C LEU A 219 3.63 -15.44 1.67
N HIS A 220 3.08 -16.14 2.66
CA HIS A 220 3.75 -16.32 3.94
C HIS A 220 4.64 -17.55 3.98
N GLU A 221 4.54 -18.43 2.99
CA GLU A 221 5.18 -19.72 3.07
C GLU A 221 6.69 -19.56 3.19
N ARG A 222 7.28 -20.34 4.09
CA ARG A 222 8.69 -20.21 4.40
C ARG A 222 9.52 -21.14 3.55
N GLY A 223 10.77 -20.75 3.30
CA GLY A 223 11.77 -21.68 2.80
C GLY A 223 11.45 -22.24 1.43
N SER A 224 11.73 -23.54 1.25
CA SER A 224 11.61 -24.17 -0.07
C SER A 224 10.16 -24.25 -0.54
N MET A 225 9.21 -24.42 0.37
CA MET A 225 7.81 -24.41 -0.03
C MET A 225 7.42 -23.06 -0.63
N GLY A 226 7.78 -21.96 0.03
CA GLY A 226 7.48 -20.65 -0.53
C GLY A 226 8.14 -20.42 -1.86
N ALA A 227 9.39 -20.88 -2.01
CA ALA A 227 10.08 -20.73 -3.29
C ALA A 227 9.38 -21.51 -4.39
N TYR A 228 8.86 -22.71 -4.06
CA TYR A 228 8.08 -23.47 -5.02
C TYR A 228 6.83 -22.72 -5.44
N SER A 229 6.07 -22.20 -4.47
CA SER A 229 4.84 -21.49 -4.83
C SER A 229 5.13 -20.26 -5.65
N LEU A 230 6.17 -19.51 -5.27
CA LEU A 230 6.56 -18.32 -6.03
C LEU A 230 6.91 -18.68 -7.48
N ASP A 231 7.65 -19.77 -7.68
CA ASP A 231 7.98 -20.20 -9.03
C ASP A 231 6.72 -20.48 -9.83
N LEU A 232 5.75 -21.17 -9.22
CA LEU A 232 4.48 -21.44 -9.87
CA LEU A 232 4.47 -21.44 -9.88
C LEU A 232 3.80 -20.14 -10.29
N ILE A 233 3.73 -19.19 -9.37
CA ILE A 233 3.08 -17.90 -9.64
C ILE A 233 3.76 -17.18 -10.79
N LEU A 234 5.10 -17.14 -10.77
CA LEU A 234 5.83 -16.45 -11.82
C LEU A 234 5.69 -17.15 -13.17
N GLN A 235 5.67 -18.50 -13.17
CA GLN A 235 5.43 -19.24 -14.41
C GLN A 235 4.10 -18.83 -15.03
N ARG A 236 3.05 -18.80 -14.22
CA ARG A 236 1.73 -18.45 -14.73
C ARG A 236 1.70 -16.99 -15.21
N THR A 237 2.35 -16.10 -14.44
CA THR A 237 2.43 -14.69 -14.82
C THR A 237 3.05 -14.53 -16.21
N ALA A 238 4.15 -15.24 -16.45
CA ALA A 238 4.81 -15.17 -17.74
C ALA A 238 3.94 -15.80 -18.84
N ALA A 239 3.38 -16.98 -18.56
CA ALA A 239 2.60 -17.70 -19.58
C ALA A 239 1.41 -16.88 -20.05
N LEU A 240 0.75 -16.16 -19.15
CA LEU A 240 -0.39 -15.33 -19.51
C LEU A 240 -0.02 -13.91 -19.92
N GLY A 241 1.28 -13.60 -20.01
CA GLY A 241 1.69 -12.25 -20.35
C GLY A 241 1.17 -11.20 -19.40
N MET A 242 1.14 -11.51 -18.10
CA MET A 242 0.60 -10.57 -17.12
C MET A 242 1.68 -9.66 -16.54
N GLN A 243 2.37 -9.02 -17.47
CA GLN A 243 3.42 -8.06 -17.18
C GLN A 243 2.95 -6.93 -16.28
N HIS A 244 3.68 -6.70 -15.19
CA HIS A 244 3.40 -5.64 -14.22
CA HIS A 244 3.38 -5.60 -14.28
C HIS A 244 1.95 -5.67 -13.74
N LYS A 245 1.38 -6.87 -13.64
CA LYS A 245 0.05 -7.03 -13.09
C LYS A 245 0.00 -7.93 -11.87
N VAL A 246 1.14 -8.44 -11.40
CA VAL A 246 1.16 -9.34 -10.25
C VAL A 246 2.07 -8.73 -9.18
N THR A 247 1.59 -8.77 -7.93
CA THR A 247 2.32 -8.32 -6.76
C THR A 247 2.40 -9.49 -5.79
N ILE A 248 3.56 -9.66 -5.16
CA ILE A 248 3.74 -10.66 -4.10
C ILE A 248 3.83 -9.92 -2.78
N SER A 249 2.91 -10.20 -1.85
CA SER A 249 2.96 -9.57 -0.54
C SER A 249 3.67 -10.47 0.46
N HIS A 250 4.50 -9.84 1.31
CA HIS A 250 5.25 -10.45 2.41
C HIS A 250 6.49 -11.18 1.88
N ALA A 251 6.30 -12.31 1.20
CA ALA A 251 7.40 -12.98 0.51
C ALA A 251 8.55 -13.33 1.46
N PHE A 252 8.19 -13.77 2.67
CA PHE A 252 9.20 -14.10 3.69
C PHE A 252 10.23 -15.09 3.18
N CYS A 253 9.85 -15.99 2.28
CA CYS A 253 10.82 -17.01 1.84
C CYS A 253 12.04 -16.41 1.18
N LEU A 254 11.93 -15.18 0.64
CA LEU A 254 13.08 -14.51 0.04
C LEU A 254 14.13 -14.16 1.08
N GLY A 255 13.78 -14.15 2.37
CA GLY A 255 14.77 -14.06 3.42
C GLY A 255 15.31 -15.38 3.90
N ASP A 256 14.68 -16.50 3.53
CA ASP A 256 15.15 -17.83 3.91
C ASP A 256 16.15 -18.42 2.93
N LEU A 257 16.03 -18.08 1.65
CA LEU A 257 16.77 -18.78 0.61
C LEU A 257 18.24 -18.38 0.59
N ALA A 258 19.08 -19.31 0.14
CA ALA A 258 20.44 -18.99 -0.22
C ALA A 258 20.44 -17.87 -1.25
N GLU A 259 21.50 -17.05 -1.25
CA GLU A 259 21.51 -15.86 -2.09
C GLU A 259 21.38 -16.21 -3.56
N ARG A 260 21.97 -17.34 -3.98
CA ARG A 260 21.90 -17.75 -5.38
CA ARG A 260 21.89 -17.74 -5.37
C ARG A 260 20.45 -17.97 -5.80
N GLU A 261 19.71 -18.81 -5.06
CA GLU A 261 18.32 -19.07 -5.42
C GLU A 261 17.47 -17.81 -5.27
N ARG A 262 17.76 -16.99 -4.26
CA ARG A 262 16.99 -15.77 -4.06
C ARG A 262 17.12 -14.85 -5.27
N ASP A 263 18.35 -14.59 -5.72
CA ASP A 263 18.55 -13.63 -6.78
C ASP A 263 18.00 -14.13 -8.12
N ALA A 264 17.96 -15.45 -8.31
CA ALA A 264 17.33 -15.98 -9.53
C ALA A 264 15.84 -15.71 -9.53
N LEU A 265 15.19 -15.84 -8.38
CA LEU A 265 13.77 -15.51 -8.32
C LEU A 265 13.56 -14.01 -8.50
N LEU A 266 14.39 -13.21 -7.84
CA LEU A 266 14.24 -11.77 -7.97
C LEU A 266 14.47 -11.32 -9.41
N ALA A 267 15.41 -11.95 -10.11
CA ALA A 267 15.65 -11.62 -11.51
C ALA A 267 14.40 -11.85 -12.33
N ARG A 268 13.69 -12.96 -12.07
CA ARG A 268 12.46 -13.25 -12.79
C ARG A 268 11.38 -12.24 -12.47
N MET A 269 11.24 -11.88 -11.18
CA MET A 269 10.28 -10.87 -10.79
C MET A 269 10.57 -9.54 -11.48
N ALA A 270 11.84 -9.13 -11.53
CA ALA A 270 12.16 -7.87 -12.20
C ALA A 270 11.75 -7.92 -13.66
N GLU A 271 12.09 -9.02 -14.35
CA GLU A 271 11.73 -9.18 -15.75
C GLU A 271 10.22 -9.05 -15.97
N LEU A 272 9.42 -9.61 -15.06
CA LEU A 272 7.97 -9.62 -15.23
C LEU A 272 7.28 -8.40 -14.63
N GLY A 273 8.04 -7.45 -14.10
CA GLY A 273 7.43 -6.31 -13.44
C GLY A 273 6.65 -6.68 -12.21
N VAL A 274 7.07 -7.73 -11.49
CA VAL A 274 6.43 -8.14 -10.25
C VAL A 274 7.08 -7.41 -9.09
N ALA A 275 6.30 -6.62 -8.35
CA ALA A 275 6.77 -5.92 -7.17
C ALA A 275 6.58 -6.78 -5.93
N VAL A 276 7.29 -6.42 -4.86
CA VAL A 276 7.14 -7.10 -3.58
CA VAL A 276 7.24 -7.08 -3.55
C VAL A 276 6.70 -6.08 -2.54
N VAL A 277 5.77 -6.52 -1.68
CA VAL A 277 5.33 -5.71 -0.55
C VAL A 277 6.04 -6.21 0.70
N THR A 278 6.66 -5.29 1.43
CA THR A 278 7.19 -5.65 2.75
C THR A 278 6.57 -4.74 3.79
N THR A 279 6.17 -5.32 4.91
CA THR A 279 5.66 -4.55 6.04
C THR A 279 6.65 -4.56 7.18
N ALA A 280 7.84 -5.11 6.94
CA ALA A 280 8.94 -5.15 7.89
C ALA A 280 8.58 -5.73 9.26
N PRO A 281 7.94 -6.90 9.30
CA PRO A 281 7.73 -7.57 10.60
C PRO A 281 9.06 -7.84 11.29
N ALA A 282 9.11 -7.59 12.58
CA ALA A 282 10.39 -7.66 13.30
C ALA A 282 10.78 -9.06 13.74
N ALA A 283 9.91 -10.07 13.55
CA ALA A 283 10.15 -11.38 14.13
C ALA A 283 10.12 -12.52 13.11
N VAL A 284 10.21 -12.20 11.82
CA VAL A 284 10.33 -13.22 10.77
C VAL A 284 11.26 -12.69 9.69
N PRO A 285 11.98 -13.58 9.01
CA PRO A 285 12.82 -13.12 7.89
C PRO A 285 11.99 -12.37 6.85
N VAL A 286 12.65 -11.40 6.22
CA VAL A 286 11.98 -10.55 5.23
C VAL A 286 12.86 -10.48 3.98
N PRO A 287 12.27 -10.14 2.83
CA PRO A 287 13.11 -9.81 1.68
C PRO A 287 13.98 -8.60 2.00
N SER A 288 15.25 -8.71 1.67
CA SER A 288 16.15 -7.57 1.80
C SER A 288 15.74 -6.48 0.80
N VAL A 289 15.44 -5.29 1.31
CA VAL A 289 15.10 -4.18 0.42
C VAL A 289 16.24 -3.91 -0.56
N LEU A 290 17.48 -3.93 -0.08
CA LEU A 290 18.61 -3.66 -0.98
C LEU A 290 18.82 -4.80 -1.98
N ALA A 291 18.54 -6.05 -1.61
CA ALA A 291 18.67 -7.13 -2.59
C ALA A 291 17.62 -6.99 -3.69
N CYS A 292 16.37 -6.68 -3.31
CA CYS A 292 15.35 -6.40 -4.32
C CYS A 292 15.78 -5.27 -5.24
N ARG A 293 16.22 -4.16 -4.65
CA ARG A 293 16.64 -3.00 -5.42
C ARG A 293 17.75 -3.34 -6.39
N ALA A 294 18.76 -4.09 -5.91
CA ALA A 294 19.87 -4.45 -6.77
C ALA A 294 19.43 -5.34 -7.91
N ALA A 295 18.40 -6.15 -7.70
CA ALA A 295 17.89 -7.02 -8.75
C ALA A 295 16.91 -6.32 -9.67
N GLY A 296 16.52 -5.09 -9.36
CA GLY A 296 15.55 -4.41 -10.19
C GLY A 296 14.10 -4.67 -9.82
N VAL A 297 13.86 -5.13 -8.59
CA VAL A 297 12.50 -5.44 -8.12
C VAL A 297 11.99 -4.24 -7.32
N THR A 298 10.84 -3.72 -7.70
CA THR A 298 10.23 -2.63 -6.96
C THR A 298 9.72 -3.09 -5.61
N VAL A 299 10.00 -2.31 -4.56
CA VAL A 299 9.58 -2.63 -3.20
C VAL A 299 8.47 -1.66 -2.77
N ILE A 300 7.35 -2.21 -2.33
CA ILE A 300 6.19 -1.49 -1.83
C ILE A 300 6.14 -1.63 -0.30
N GLY A 301 6.04 -0.53 0.41
CA GLY A 301 5.89 -0.58 1.85
C GLY A 301 4.43 -0.63 2.27
N GLY A 302 4.14 -1.29 3.38
CA GLY A 302 2.79 -1.30 3.90
C GLY A 302 2.76 -1.55 5.39
N ASN A 303 1.64 -1.17 6.04
CA ASN A 303 1.47 -1.48 7.46
C ASN A 303 1.11 -2.93 7.70
N ASP A 304 0.38 -3.55 6.76
CA ASP A 304 -0.46 -4.70 7.03
C ASP A 304 -1.59 -4.23 7.94
N GLY A 305 -2.02 -5.06 8.89
CA GLY A 305 -3.13 -4.67 9.75
C GLY A 305 -2.82 -3.44 10.60
N VAL A 306 -3.88 -2.74 10.99
CA VAL A 306 -3.77 -1.58 11.88
C VAL A 306 -4.77 -1.78 13.00
N ARG A 307 -4.30 -2.13 14.20
CA ARG A 307 -5.12 -2.22 15.41
C ARG A 307 -6.37 -3.08 15.18
N ASP A 308 -6.14 -4.33 14.80
CA ASP A 308 -7.26 -5.23 14.54
C ASP A 308 -7.15 -6.42 15.49
N THR A 309 -7.83 -7.53 15.22
CA THR A 309 -7.74 -8.66 16.14
C THR A 309 -6.48 -9.48 15.93
N TRP A 310 -5.75 -9.27 14.84
CA TRP A 310 -4.46 -9.93 14.62
C TRP A 310 -3.33 -9.18 15.31
N THR A 311 -3.29 -7.85 15.16
CA THR A 311 -2.13 -7.09 15.61
C THR A 311 -2.56 -5.81 16.29
N PRO A 312 -1.94 -5.44 17.42
CA PRO A 312 -2.18 -4.12 18.01
C PRO A 312 -1.40 -3.02 17.33
N TYR A 313 -0.48 -3.37 16.43
CA TYR A 313 0.44 -2.40 15.84
C TYR A 313 -0.19 -1.77 14.61
N GLY A 314 0.60 -1.00 13.89
CA GLY A 314 0.13 -0.32 12.71
C GLY A 314 -0.19 1.13 13.01
N SER A 315 -0.03 1.98 12.00
CA SER A 315 -0.25 3.42 12.17
C SER A 315 -0.63 4.02 10.84
N PRO A 316 -1.50 5.04 10.83
CA PRO A 316 -1.75 5.77 9.57
C PRO A 316 -0.60 6.65 9.12
N ASP A 317 0.52 6.67 9.86
CA ASP A 317 1.68 7.49 9.49
C ASP A 317 2.63 6.63 8.64
N MET A 318 2.62 6.84 7.31
CA MET A 318 3.50 6.04 6.46
C MET A 318 4.96 6.43 6.62
N LEU A 319 5.26 7.62 7.15
CA LEU A 319 6.65 7.91 7.49
C LEU A 319 7.13 6.96 8.58
N GLU A 320 6.26 6.63 9.53
CA GLU A 320 6.64 5.67 10.56
C GLU A 320 6.88 4.30 9.97
N ARG A 321 6.07 3.90 8.98
CA ARG A 321 6.33 2.60 8.35
C ARG A 321 7.66 2.60 7.61
N ALA A 322 7.99 3.71 6.96
CA ALA A 322 9.30 3.83 6.33
C ALA A 322 10.41 3.68 7.36
N MET A 323 10.25 4.34 8.52
CA MET A 323 11.21 4.18 9.59
C MET A 323 11.35 2.72 10.02
N LEU A 324 10.23 2.01 10.13
CA LEU A 324 10.31 0.62 10.60
C LEU A 324 10.96 -0.28 9.54
N ILE A 325 10.67 -0.02 8.27
CA ILE A 325 11.35 -0.75 7.19
C ILE A 325 12.86 -0.51 7.26
N ALA A 326 13.27 0.75 7.43
CA ALA A 326 14.68 1.08 7.54
C ALA A 326 15.32 0.35 8.72
N MET A 327 14.67 0.38 9.88
CA MET A 327 15.20 -0.32 11.05
C MET A 327 15.32 -1.81 10.78
N ARG A 328 14.27 -2.40 10.22
CA ARG A 328 14.28 -3.84 9.96
C ARG A 328 15.42 -4.22 9.01
N ASN A 329 15.77 -3.34 8.09
CA ASN A 329 16.84 -3.61 7.13
C ASN A 329 18.19 -3.09 7.59
N ASP A 330 18.29 -2.64 8.85
CA ASP A 330 19.53 -2.18 9.46
C ASP A 330 20.11 -0.97 8.72
N PHE A 331 19.23 -0.15 8.16
CA PHE A 331 19.68 1.07 7.49
C PHE A 331 20.19 2.08 8.52
N ARG A 332 21.30 2.75 8.19
CA ARG A 332 21.80 3.82 9.04
C ARG A 332 22.11 5.06 8.21
N ARG A 333 22.59 4.85 6.98
CA ARG A 333 22.99 5.95 6.13
C ARG A 333 21.79 6.76 5.67
N ASP A 334 22.01 8.07 5.46
CA ASP A 334 20.93 8.92 4.95
C ASP A 334 20.36 8.36 3.65
N ASP A 335 21.22 7.93 2.72
CA ASP A 335 20.66 7.51 1.44
C ASP A 335 19.91 6.19 1.57
N ALA A 336 20.25 5.36 2.58
CA ALA A 336 19.46 4.17 2.84
C ALA A 336 18.09 4.52 3.42
N LEU A 337 18.04 5.51 4.32
CA LEU A 337 16.74 5.99 4.80
C LEU A 337 15.89 6.51 3.64
N GLU A 338 16.52 7.14 2.65
CA GLU A 338 15.76 7.61 1.50
C GLU A 338 15.27 6.44 0.66
N VAL A 339 16.00 5.33 0.64
CA VAL A 339 15.49 4.12 -0.01
C VAL A 339 14.26 3.63 0.71
N ALA A 340 14.27 3.67 2.05
CA ALA A 340 13.08 3.27 2.78
C ALA A 340 11.92 4.21 2.51
N LEU A 341 12.20 5.52 2.44
CA LEU A 341 11.14 6.47 2.10
C LEU A 341 10.58 6.22 0.71
N GLU A 342 11.43 5.82 -0.24
CA GLU A 342 10.94 5.46 -1.56
C GLU A 342 9.88 4.35 -1.52
N CYS A 343 9.98 3.43 -0.55
CA CYS A 343 8.99 2.35 -0.40
C CYS A 343 7.59 2.85 -0.06
N VAL A 344 7.43 4.06 0.48
CA VAL A 344 6.11 4.61 0.76
C VAL A 344 5.82 5.84 -0.07
N THR A 345 6.63 6.11 -1.10
CA THR A 345 6.35 7.18 -2.05
C THR A 345 6.48 6.66 -3.49
N HIS A 346 7.52 7.06 -4.22
CA HIS A 346 7.59 6.76 -5.65
C HIS A 346 7.63 5.27 -5.93
N GLY A 347 8.34 4.50 -5.09
CA GLY A 347 8.42 3.06 -5.32
C GLY A 347 7.08 2.37 -5.08
N ALA A 348 6.38 2.74 -4.00
CA ALA A 348 5.06 2.20 -3.76
C ALA A 348 4.09 2.56 -4.89
N ALA A 349 4.16 3.81 -5.36
CA ALA A 349 3.26 4.20 -6.44
C ALA A 349 3.56 3.43 -7.72
N ARG A 350 4.85 3.32 -8.08
CA ARG A 350 5.22 2.52 -9.24
CA ARG A 350 5.25 2.52 -9.24
C ARG A 350 4.79 1.07 -9.07
N GLY A 351 5.08 0.48 -7.92
CA GLY A 351 4.75 -0.91 -7.71
C GLY A 351 3.26 -1.17 -7.78
N CYS A 352 2.45 -0.26 -7.24
CA CYS A 352 0.99 -0.46 -7.24
C CYS A 352 0.31 0.02 -8.49
N GLY A 353 1.01 0.72 -9.38
CA GLY A 353 0.34 1.26 -10.55
C GLY A 353 -0.52 2.47 -10.26
N PHE A 354 -0.17 3.24 -9.24
CA PHE A 354 -0.77 4.55 -8.98
C PHE A 354 -0.17 5.56 -9.96
N ASP A 355 -0.99 6.11 -10.85
CA ASP A 355 -0.50 6.95 -11.94
C ASP A 355 -0.46 8.43 -11.54
N ALA A 356 0.20 9.23 -12.38
CA ALA A 356 0.27 10.69 -12.19
C ALA A 356 0.82 11.04 -10.81
N TYR A 357 1.87 10.33 -10.40
CA TYR A 357 2.44 10.45 -9.07
C TYR A 357 3.63 11.39 -9.07
N GLY A 358 3.79 12.14 -7.99
CA GLY A 358 5.01 12.91 -7.81
C GLY A 358 4.78 14.40 -7.62
N LEU A 359 5.85 15.19 -7.75
CA LEU A 359 5.76 16.64 -7.58
C LEU A 359 6.17 17.40 -8.83
N GLN A 360 6.23 16.74 -9.96
CA GLN A 360 6.53 17.45 -11.19
C GLN A 360 5.25 17.91 -11.85
N PRO A 361 5.33 18.91 -12.73
CA PRO A 361 4.13 19.37 -13.45
C PRO A 361 3.43 18.20 -14.14
N GLY A 362 2.11 18.22 -14.09
CA GLY A 362 1.28 17.17 -14.65
C GLY A 362 0.89 16.11 -13.66
N ALA A 363 1.62 15.99 -12.55
CA ALA A 363 1.26 15.03 -11.52
C ALA A 363 0.01 15.50 -10.78
N ARG A 364 -0.71 14.53 -10.22
CA ARG A 364 -1.79 14.87 -9.30
C ARG A 364 -1.24 15.68 -8.14
N ALA A 365 -1.94 16.77 -7.80
CA ALA A 365 -1.43 17.72 -6.81
C ALA A 365 -1.69 17.20 -5.38
N ASP A 366 -0.92 16.16 -5.02
CA ASP A 366 -0.85 15.67 -3.65
C ASP A 366 0.46 16.15 -3.05
N VAL A 367 0.39 16.98 -2.02
CA VAL A 367 1.57 17.62 -1.46
C VAL A 367 1.46 17.57 0.06
N VAL A 368 2.54 17.16 0.71
CA VAL A 368 2.61 17.01 2.16
C VAL A 368 3.81 17.81 2.64
N LEU A 369 3.57 18.81 3.50
CA LEU A 369 4.65 19.64 4.02
C LEU A 369 5.02 19.17 5.41
N VAL A 370 6.32 19.04 5.68
CA VAL A 370 6.83 18.68 7.02
C VAL A 370 8.03 19.55 7.36
N ASP A 371 8.12 19.92 8.64
CA ASP A 371 9.27 20.69 9.14
C ASP A 371 10.38 19.70 9.47
N ALA A 372 11.30 19.50 8.51
CA ALA A 372 12.46 18.65 8.70
C ALA A 372 13.58 19.21 7.84
N MET A 373 14.81 19.06 8.32
CA MET A 373 15.95 19.56 7.56
C MET A 373 16.27 18.67 6.39
N THR A 374 16.10 17.35 6.54
CA THR A 374 16.45 16.40 5.48
C THR A 374 15.35 15.37 5.37
N LEU A 375 15.33 14.65 4.23
CA LEU A 375 14.41 13.53 4.10
C LEU A 375 14.67 12.46 5.15
N ALA A 376 15.95 12.19 5.44
CA ALA A 376 16.27 11.18 6.45
C ALA A 376 15.70 11.58 7.81
N GLU A 377 15.82 12.87 8.17
CA GLU A 377 15.21 13.35 9.41
C GLU A 377 13.70 13.12 9.40
N ALA A 378 13.04 13.42 8.28
CA ALA A 378 11.59 13.22 8.21
C ALA A 378 11.22 11.76 8.47
N VAL A 379 12.03 10.82 7.96
CA VAL A 379 11.74 9.41 8.22
C VAL A 379 11.80 9.09 9.71
N VAL A 380 12.89 9.48 10.39
CA VAL A 380 13.00 9.03 11.78
C VAL A 380 12.22 9.92 12.74
N ALA A 381 12.12 11.22 12.47
CA ALA A 381 11.42 12.10 13.39
C ALA A 381 9.91 12.11 13.18
N ARG A 382 9.44 11.71 12.00
CA ARG A 382 8.02 11.69 11.68
C ARG A 382 7.31 12.98 12.08
N PRO A 383 7.82 14.14 11.66
CA PRO A 383 7.17 15.40 12.06
C PRO A 383 5.71 15.44 11.60
N VAL A 384 4.89 16.18 12.37
CA VAL A 384 3.49 16.31 12.01
C VAL A 384 3.36 16.83 10.60
N ARG A 385 2.36 16.36 9.86
CA ARG A 385 2.12 16.93 8.54
C ARG A 385 1.54 18.34 8.72
N ARG A 386 2.37 19.35 8.47
CA ARG A 386 1.88 20.72 8.63
C ARG A 386 0.74 21.03 7.67
N LEU A 387 0.83 20.51 6.45
CA LEU A 387 -0.16 20.75 5.41
C LEU A 387 -0.30 19.48 4.58
N VAL A 388 -1.54 19.09 4.29
CA VAL A 388 -1.80 18.02 3.33
C VAL A 388 -2.70 18.62 2.25
N VAL A 389 -2.25 18.52 1.01
CA VAL A 389 -3.05 18.87 -0.17
C VAL A 389 -3.33 17.59 -0.91
N SER A 390 -4.57 17.39 -1.30
CA SER A 390 -4.93 16.18 -2.03
C SER A 390 -5.77 16.57 -3.22
N SER A 391 -5.34 16.14 -4.41
CA SER A 391 -5.98 16.52 -5.67
C SER A 391 -6.18 18.03 -5.74
N GLY A 392 -5.17 18.77 -5.29
CA GLY A 392 -5.19 20.22 -5.39
C GLY A 392 -5.99 20.93 -4.32
N LYS A 393 -6.58 20.22 -3.37
CA LYS A 393 -7.39 20.81 -2.32
C LYS A 393 -6.72 20.63 -0.97
N ILE A 394 -6.72 21.68 -0.16
CA ILE A 394 -6.19 21.57 1.19
C ILE A 394 -7.15 20.73 2.03
N VAL A 395 -6.66 19.62 2.57
CA VAL A 395 -7.50 18.70 3.31
C VAL A 395 -7.10 18.54 4.77
N ALA A 396 -5.88 18.92 5.16
CA ALA A 396 -5.46 18.72 6.53
C ALA A 396 -4.41 19.75 6.89
N ARG A 397 -4.40 20.16 8.16
CA ARG A 397 -3.35 21.01 8.69
C ARG A 397 -2.98 20.49 10.06
N ASN A 398 -1.67 20.50 10.35
CA ASN A 398 -1.12 20.08 11.63
CA ASN A 398 -1.17 20.11 11.66
C ASN A 398 -1.71 18.74 12.07
N GLY A 399 -1.76 17.81 11.12
CA GLY A 399 -2.12 16.44 11.40
C GLY A 399 -3.59 16.17 11.58
N ALA A 400 -4.46 17.11 11.25
CA ALA A 400 -5.90 16.95 11.46
C ALA A 400 -6.65 17.47 10.23
N LEU A 401 -7.71 16.76 9.85
CA LEU A 401 -8.48 17.18 8.69
C LEU A 401 -9.17 18.51 8.97
N VAL A 402 -9.21 19.37 7.96
CA VAL A 402 -9.86 20.66 8.13
C VAL A 402 -11.23 20.62 7.50
ZN ZN B . -1.82 -8.57 4.61
CL CL C . 23.11 1.91 5.81
CL CL D . 17.29 15.86 1.98
CL CL E . 8.69 13.93 -8.00
CL CL F . 0.67 13.85 11.16
CL CL G . 6.02 17.17 15.06
CL CL H . -22.96 -11.06 -0.78
C1 EDO I . -7.40 5.27 17.40
O1 EDO I . -8.46 4.31 17.43
C2 EDO I . -7.96 6.66 17.12
O2 EDO I . -9.03 6.92 18.02
C1 EDO J . -9.55 9.21 -6.41
O1 EDO J . -10.45 9.41 -5.31
C2 EDO J . -8.76 10.50 -6.66
O2 EDO J . -8.46 11.09 -5.39
C1 EDO K . -4.70 -3.99 -12.65
O1 EDO K . -5.71 -4.87 -13.10
C2 EDO K . -3.32 -4.62 -12.76
O2 EDO K . -2.43 -3.73 -12.07
C1 EDO L . -5.46 11.15 -12.20
O1 EDO L . -4.58 10.10 -12.63
C2 EDO L . -4.64 12.29 -11.60
O2 EDO L . -5.52 13.22 -10.95
ZN ZN M . -0.54 -10.27 6.69
#